data_8W5R
#
_entry.id   8W5R
#
_cell.length_a   1.00
_cell.length_b   1.00
_cell.length_c   1.00
_cell.angle_alpha   90.00
_cell.angle_beta   90.00
_cell.angle_gamma   90.00
#
_symmetry.space_group_name_H-M   'P 1'
#
loop_
_entity.id
_entity.type
_entity.pdbx_description
1 polymer 'Minor capsid protein A1'
2 polymer 'Heavy chain of Ab53'
3 polymer 'Light chain of Ab53'
#
loop_
_entity_poly.entity_id
_entity_poly.type
_entity_poly.pdbx_seq_one_letter_code
_entity_poly.pdbx_strand_id
1 'polypeptide(L)'
;MAKLETVTLGNIGKDGKQTLVLNPRGVNPTNGVASLSQAGAVPALEKRVTVSVSQPSRNRKNYKVQVKIQNPTACTANGS
CDPSVTRQAYADVTFSFTQYSTDEERAFVRTELAALLASPLLIDAIDQLNPAY
;
A,B,C
2 'polypeptide(L)'
;VHSQVQLQQPGTELVKPGASVKLSCKASGYTFTNYWMHWVKQRPGQGLEWIGMIHPDSGTTNYNEKFKSKATLTVDKSSN
TAYMQLSSLTSEDSAVYYCARGVFYINYYAMDYWGQGTSVSVSSA
;
H
3 'polypeptide(L)'
;VHSDIQMTQSPASLSASVGETVTITCRASGNIHYFLAWYQQKQGKSPQLLVYHAETLADGVPSRFSGSGSGTQYSLKINS
LQPEDFGNYYCQHFWSTPYTFGGGTKLEIK
;
L
#
# COMPACT_ATOMS: atom_id res chain seq x y z
N ALA A 2 3.20 -7.10 -7.15
CA ALA A 2 3.35 -6.41 -5.88
C ALA A 2 4.21 -5.17 -6.05
N LYS A 3 3.59 -4.00 -5.95
CA LYS A 3 4.28 -2.72 -6.06
C LYS A 3 4.25 -2.03 -4.71
N LEU A 4 5.42 -1.60 -4.24
CA LEU A 4 5.48 -0.87 -2.98
C LEU A 4 4.64 0.38 -3.07
N GLU A 5 3.83 0.60 -2.03
CA GLU A 5 2.77 1.60 -2.09
C GLU A 5 2.29 1.85 -0.67
N THR A 6 1.67 3.01 -0.46
CA THR A 6 1.12 3.32 0.84
C THR A 6 0.02 2.33 1.19
N VAL A 7 0.10 1.76 2.38
CA VAL A 7 -0.86 0.77 2.86
C VAL A 7 -1.60 1.37 4.04
N THR A 8 -2.93 1.40 3.97
CA THR A 8 -3.77 1.98 5.00
C THR A 8 -4.64 0.91 5.63
N LEU A 9 -4.68 0.90 6.96
CA LEU A 9 -5.47 -0.05 7.73
C LEU A 9 -6.50 0.73 8.54
N GLY A 10 -7.77 0.42 8.34
CA GLY A 10 -8.85 1.15 8.99
C GLY A 10 -9.62 0.27 9.95
N ASN A 11 -10.22 0.89 10.96
CA ASN A 11 -11.03 0.21 11.96
C ASN A 11 -10.24 -0.92 12.63
N ILE A 12 -9.07 -0.58 13.14
CA ILE A 12 -8.26 -1.51 13.93
C ILE A 12 -8.16 -0.97 15.35
N GLY A 13 -7.52 -1.73 16.21
CA GLY A 13 -7.45 -1.43 17.62
C GLY A 13 -8.54 -2.13 18.41
N LYS A 14 -8.44 -2.04 19.73
CA LYS A 14 -9.40 -2.71 20.59
C LYS A 14 -10.80 -2.16 20.40
N ASP A 15 -10.93 -0.84 20.32
CA ASP A 15 -12.25 -0.24 20.15
C ASP A 15 -12.77 -0.44 18.74
N GLY A 16 -11.87 -0.48 17.76
CA GLY A 16 -12.26 -0.62 16.37
C GLY A 16 -12.38 0.69 15.61
N LYS A 17 -11.81 1.78 16.10
CA LYS A 17 -11.93 3.08 15.45
C LYS A 17 -10.60 3.62 14.92
N GLN A 18 -9.48 3.18 15.46
CA GLN A 18 -8.19 3.73 15.05
C GLN A 18 -7.83 3.28 13.64
N THR A 19 -7.10 4.14 12.93
CA THR A 19 -6.59 3.85 11.60
C THR A 19 -5.09 4.08 11.58
N LEU A 20 -4.40 3.34 10.71
CA LEU A 20 -2.96 3.48 10.56
C LEU A 20 -2.63 3.47 9.07
N VAL A 21 -1.81 4.43 8.65
CA VAL A 21 -1.37 4.54 7.26
C VAL A 21 0.14 4.44 7.23
N LEU A 22 0.65 3.57 6.36
CA LEU A 22 2.07 3.26 6.27
C LEU A 22 2.61 3.76 4.94
N ASN A 23 3.86 4.23 4.95
CA ASN A 23 4.50 4.71 3.75
C ASN A 23 5.72 3.87 3.39
N PRO A 24 5.99 3.67 2.11
CA PRO A 24 7.14 2.86 1.71
C PRO A 24 8.45 3.51 2.11
N ARG A 25 9.46 2.67 2.33
CA ARG A 25 10.81 3.15 2.65
C ARG A 25 11.87 2.39 1.87
N GLY A 26 11.56 1.99 0.64
CA GLY A 26 12.53 1.31 -0.20
C GLY A 26 12.76 -0.12 0.22
N VAL A 27 13.66 -0.78 -0.51
CA VAL A 27 14.04 -2.15 -0.24
C VAL A 27 15.54 -2.19 0.05
N ASN A 28 15.92 -3.02 1.01
CA ASN A 28 17.33 -3.14 1.35
C ASN A 28 18.05 -3.97 0.30
N PRO A 29 19.07 -3.42 -0.36
CA PRO A 29 19.81 -4.23 -1.36
C PRO A 29 20.68 -5.31 -0.74
N THR A 30 20.96 -5.25 0.56
CA THR A 30 21.79 -6.27 1.18
C THR A 30 21.05 -7.59 1.33
N ASN A 31 19.80 -7.55 1.78
CA ASN A 31 19.03 -8.75 2.06
C ASN A 31 17.64 -8.75 1.45
N GLY A 32 17.32 -7.77 0.60
CA GLY A 32 16.05 -7.76 -0.11
C GLY A 32 14.83 -7.66 0.78
N VAL A 33 14.90 -6.86 1.83
CA VAL A 33 13.81 -6.70 2.78
C VAL A 33 13.12 -5.37 2.49
N ALA A 34 11.88 -5.43 2.03
CA ALA A 34 11.10 -4.22 1.86
C ALA A 34 10.64 -3.70 3.22
N SER A 35 10.48 -2.38 3.31
CA SER A 35 10.11 -1.75 4.56
C SER A 35 8.94 -0.81 4.34
N LEU A 36 8.10 -0.70 5.36
CA LEU A 36 7.01 0.26 5.40
C LEU A 36 7.08 0.99 6.73
N SER A 37 6.80 2.28 6.71
CA SER A 37 6.94 3.11 7.89
C SER A 37 5.70 3.97 8.08
N GLN A 38 5.42 4.32 9.32
CA GLN A 38 4.23 5.11 9.65
C GLN A 38 4.31 6.49 9.01
N ALA A 39 3.22 6.88 8.36
CA ALA A 39 3.17 8.20 7.74
C ALA A 39 3.23 9.29 8.80
N GLY A 40 3.90 10.39 8.48
CA GLY A 40 4.18 11.37 9.50
C GLY A 40 5.22 10.85 10.46
N ALA A 41 5.14 11.30 11.70
CA ALA A 41 6.04 10.86 12.78
C ALA A 41 7.50 11.15 12.46
N VAL A 42 8.39 10.73 13.35
CA VAL A 42 9.82 10.96 13.16
C VAL A 42 10.54 9.62 13.26
N PRO A 43 11.72 9.50 12.68
CA PRO A 43 12.47 8.25 12.81
C PRO A 43 12.79 7.95 14.26
N ALA A 44 12.91 6.66 14.56
CA ALA A 44 13.14 6.12 15.90
C ALA A 44 12.00 6.40 16.86
N LEU A 45 10.85 6.83 16.35
CA LEU A 45 9.67 7.04 17.20
C LEU A 45 8.39 6.59 16.51
N GLU A 46 8.46 5.59 15.64
CA GLU A 46 7.36 5.28 14.74
C GLU A 46 7.27 3.78 14.50
N LYS A 47 6.14 3.36 13.94
CA LYS A 47 5.86 1.96 13.68
C LYS A 47 6.48 1.52 12.37
N ARG A 48 6.98 0.29 12.35
CA ARG A 48 7.68 -0.26 11.20
C ARG A 48 7.12 -1.63 10.85
N VAL A 49 7.12 -1.94 9.56
CA VAL A 49 6.73 -3.25 9.04
C VAL A 49 7.75 -3.65 7.99
N THR A 50 8.21 -4.90 8.03
CA THR A 50 9.15 -5.41 7.05
C THR A 50 8.57 -6.68 6.43
N VAL A 51 8.63 -6.76 5.09
CA VAL A 51 8.14 -7.91 4.35
C VAL A 51 9.27 -8.42 3.47
N SER A 52 9.51 -9.73 3.51
CA SER A 52 10.52 -10.33 2.66
C SER A 52 9.99 -11.63 2.07
N VAL A 53 10.45 -11.95 0.87
CA VAL A 53 10.18 -13.23 0.23
C VAL A 53 11.52 -13.82 -0.18
N SER A 54 11.69 -15.11 0.03
CA SER A 54 12.97 -15.77 -0.18
C SER A 54 12.86 -16.82 -1.28
N GLN A 55 14.00 -17.10 -1.91
CA GLN A 55 14.17 -18.05 -2.99
C GLN A 55 14.83 -19.33 -2.49
N PRO A 56 14.53 -20.47 -3.09
CA PRO A 56 15.22 -21.70 -2.70
C PRO A 56 16.70 -21.63 -3.07
N SER A 57 17.52 -22.28 -2.25
CA SER A 57 18.96 -22.24 -2.42
C SER A 57 19.53 -23.60 -2.04
N ARG A 58 20.86 -23.64 -1.88
CA ARG A 58 21.52 -24.90 -1.54
C ARG A 58 21.32 -25.27 -0.08
N ASN A 59 20.94 -24.31 0.75
CA ASN A 59 20.68 -24.60 2.16
C ASN A 59 19.23 -24.99 2.40
N ARG A 60 18.29 -24.25 1.82
CA ARG A 60 16.87 -24.51 1.94
C ARG A 60 16.27 -24.75 0.57
N LYS A 61 15.42 -25.78 0.48
CA LYS A 61 14.83 -26.21 -0.79
C LYS A 61 13.41 -25.72 -0.97
N ASN A 62 12.95 -24.77 -0.13
CA ASN A 62 11.57 -24.34 -0.14
C ASN A 62 11.50 -22.84 0.10
N TYR A 63 10.36 -22.25 -0.25
CA TYR A 63 10.21 -20.81 -0.13
C TYR A 63 10.01 -20.42 1.33
N LYS A 64 10.17 -19.13 1.59
CA LYS A 64 10.00 -18.63 2.96
C LYS A 64 9.60 -17.16 2.91
N VAL A 65 8.39 -16.87 3.36
CA VAL A 65 7.88 -15.50 3.45
C VAL A 65 7.85 -15.12 4.93
N GLN A 66 8.41 -13.95 5.24
CA GLN A 66 8.53 -13.51 6.63
C GLN A 66 8.08 -12.07 6.76
N VAL A 67 7.18 -11.81 7.70
CA VAL A 67 6.65 -10.48 7.98
C VAL A 67 6.96 -10.15 9.43
N LYS A 68 7.56 -8.99 9.67
CA LYS A 68 7.90 -8.56 11.02
C LYS A 68 7.38 -7.15 11.23
N ILE A 69 6.65 -6.96 12.33
CA ILE A 69 6.13 -5.64 12.70
C ILE A 69 6.59 -5.33 14.12
N GLN A 70 7.04 -4.10 14.33
CA GLN A 70 7.49 -3.69 15.65
C GLN A 70 7.18 -2.21 15.82
N ASN A 71 6.75 -1.82 17.01
CA ASN A 71 6.35 -0.45 17.26
C ASN A 71 6.58 0.01 18.71
N PRO A 72 7.18 1.17 18.90
CA PRO A 72 7.58 1.61 20.24
C PRO A 72 6.51 2.47 20.92
N THR A 73 6.78 2.76 22.19
CA THR A 73 5.95 3.64 23.00
C THR A 73 6.81 4.80 23.49
N ALA A 74 6.32 6.02 23.30
CA ALA A 74 7.07 7.22 23.61
C ALA A 74 6.60 7.83 24.92
N CYS A 75 7.55 8.18 25.79
CA CYS A 75 7.26 8.83 27.05
C CYS A 75 8.09 10.10 27.16
N THR A 76 7.44 11.20 27.53
CA THR A 76 8.09 12.49 27.66
C THR A 76 8.27 12.82 29.14
N ALA A 77 9.49 13.22 29.51
CA ALA A 77 9.80 13.55 30.89
C ALA A 77 9.95 15.06 31.07
N SER A 80 12.64 16.42 28.77
CA SER A 80 13.33 17.21 27.75
C SER A 80 12.36 17.64 26.64
N CYS A 81 12.93 18.17 25.56
CA CYS A 81 12.11 18.60 24.43
C CYS A 81 11.59 17.40 23.63
N ASP A 82 12.43 16.39 23.42
CA ASP A 82 12.07 15.28 22.57
C ASP A 82 11.67 14.04 23.37
N PRO A 83 10.77 13.22 22.85
CA PRO A 83 10.35 12.01 23.57
C PRO A 83 11.44 10.95 23.56
N SER A 84 11.22 9.93 24.36
CA SER A 84 12.11 8.78 24.44
C SER A 84 11.29 7.50 24.44
N VAL A 85 11.89 6.43 23.97
CA VAL A 85 11.22 5.14 23.87
C VAL A 85 11.32 4.43 25.20
N THR A 86 10.19 3.93 25.69
CA THR A 86 10.14 3.20 26.95
C THR A 86 10.15 1.69 26.74
N ARG A 87 9.39 1.21 25.77
CA ARG A 87 9.28 -0.22 25.51
C ARG A 87 8.84 -0.40 24.06
N GLN A 88 8.99 -1.63 23.57
CA GLN A 88 8.59 -1.95 22.21
C GLN A 88 7.86 -3.29 22.19
N ALA A 89 6.88 -3.40 21.31
CA ALA A 89 6.11 -4.61 21.11
C ALA A 89 6.42 -5.17 19.73
N TYR A 90 6.82 -6.44 19.68
CA TYR A 90 7.18 -7.10 18.44
C TYR A 90 6.12 -8.12 18.04
N ALA A 91 6.20 -8.55 16.79
CA ALA A 91 5.34 -9.58 16.24
C ALA A 91 5.90 -9.97 14.89
N ASP A 92 5.94 -11.28 14.61
CA ASP A 92 6.45 -11.72 13.32
C ASP A 92 5.73 -12.97 12.87
N VAL A 93 5.64 -13.13 11.55
CA VAL A 93 5.02 -14.28 10.92
C VAL A 93 6.02 -14.87 9.94
N THR A 94 6.00 -16.19 9.79
CA THR A 94 6.90 -16.87 8.86
C THR A 94 6.22 -18.09 8.26
N PHE A 95 5.65 -17.92 7.07
CA PHE A 95 5.13 -19.03 6.30
C PHE A 95 6.27 -19.80 5.66
N SER A 96 6.02 -21.06 5.33
CA SER A 96 7.04 -21.91 4.72
C SER A 96 6.33 -22.90 3.80
N PHE A 97 6.26 -22.57 2.53
CA PHE A 97 5.68 -23.42 1.50
C PHE A 97 6.79 -24.14 0.74
N THR A 98 6.40 -24.99 -0.19
CA THR A 98 7.34 -25.76 -0.98
C THR A 98 7.13 -25.47 -2.46
N GLN A 99 8.12 -25.87 -3.27
CA GLN A 99 8.12 -25.54 -4.69
C GLN A 99 6.99 -26.22 -5.46
N TYR A 100 6.44 -27.31 -4.94
CA TYR A 100 5.36 -28.03 -5.60
C TYR A 100 3.99 -27.64 -5.07
N SER A 101 3.92 -26.65 -4.20
CA SER A 101 2.66 -26.24 -3.59
C SER A 101 1.85 -25.38 -4.56
N THR A 102 0.55 -25.61 -4.58
CA THR A 102 -0.36 -24.85 -5.44
C THR A 102 -0.82 -23.58 -4.74
N ASP A 103 -1.54 -22.74 -5.49
CA ASP A 103 -2.02 -21.48 -4.96
C ASP A 103 -3.13 -21.67 -3.93
N GLU A 104 -3.93 -22.73 -4.08
CA GLU A 104 -5.02 -22.98 -3.16
C GLU A 104 -4.53 -23.15 -1.73
N GLU A 105 -3.46 -23.92 -1.55
CA GLU A 105 -2.96 -24.18 -0.20
C GLU A 105 -2.39 -22.93 0.44
N ARG A 106 -1.65 -22.13 -0.33
CA ARG A 106 -1.10 -20.89 0.22
C ARG A 106 -2.22 -19.93 0.62
N ALA A 107 -3.23 -19.78 -0.25
CA ALA A 107 -4.35 -18.92 0.09
C ALA A 107 -5.08 -19.43 1.32
N PHE A 108 -5.27 -20.74 1.42
CA PHE A 108 -5.96 -21.31 2.56
C PHE A 108 -5.22 -21.03 3.86
N VAL A 109 -3.89 -21.21 3.85
CA VAL A 109 -3.12 -20.97 5.07
C VAL A 109 -3.18 -19.50 5.46
N ARG A 110 -3.04 -18.60 4.48
CA ARG A 110 -3.10 -17.18 4.79
C ARG A 110 -4.45 -16.78 5.37
N THR A 111 -5.53 -17.26 4.76
CA THR A 111 -6.87 -16.90 5.23
C THR A 111 -7.16 -17.52 6.59
N GLU A 112 -6.70 -18.75 6.82
CA GLU A 112 -6.87 -19.38 8.12
C GLU A 112 -6.16 -18.58 9.21
N LEU A 113 -4.92 -18.15 8.95
CA LEU A 113 -4.22 -17.34 9.94
C LEU A 113 -4.94 -16.03 10.18
N ALA A 114 -5.44 -15.39 9.12
CA ALA A 114 -6.15 -14.13 9.29
C ALA A 114 -7.43 -14.33 10.12
N ALA A 115 -8.12 -15.44 9.92
CA ALA A 115 -9.38 -15.69 10.63
C ALA A 115 -9.17 -16.12 12.07
N LEU A 116 -8.07 -16.81 12.37
CA LEU A 116 -7.83 -17.23 13.75
C LEU A 116 -7.65 -16.04 14.68
N LEU A 117 -6.94 -15.00 14.22
CA LEU A 117 -6.65 -13.86 15.08
C LEU A 117 -7.91 -13.12 15.50
N ALA A 118 -9.03 -13.33 14.82
CA ALA A 118 -10.30 -12.75 15.25
C ALA A 118 -11.12 -13.68 16.11
N SER A 119 -10.70 -14.93 16.29
CA SER A 119 -11.44 -15.87 17.11
C SER A 119 -11.33 -15.50 18.59
N PRO A 120 -12.34 -15.85 19.40
CA PRO A 120 -12.28 -15.50 20.82
C PRO A 120 -11.09 -16.07 21.56
N LEU A 121 -10.59 -17.24 21.14
CA LEU A 121 -9.43 -17.83 21.81
C LEU A 121 -8.21 -16.94 21.73
N LEU A 122 -7.86 -16.49 20.52
CA LEU A 122 -6.71 -15.62 20.36
C LEU A 122 -6.95 -14.24 20.96
N ILE A 123 -8.19 -13.74 20.87
CA ILE A 123 -8.52 -12.45 21.48
C ILE A 123 -8.26 -12.50 22.98
N ASP A 124 -8.68 -13.57 23.63
CA ASP A 124 -8.49 -13.67 25.07
C ASP A 124 -7.08 -14.11 25.45
N ALA A 125 -6.33 -14.68 24.52
CA ALA A 125 -4.98 -15.15 24.82
C ALA A 125 -3.88 -14.17 24.43
N ILE A 126 -4.19 -13.09 23.72
CA ILE A 126 -3.21 -12.07 23.37
C ILE A 126 -3.47 -10.76 24.10
N ASP A 127 -4.71 -10.27 24.06
CA ASP A 127 -5.04 -9.06 24.80
C ASP A 127 -4.80 -9.25 26.30
N GLN A 128 -5.37 -10.31 26.87
CA GLN A 128 -5.02 -10.76 28.20
C GLN A 128 -4.07 -11.94 28.06
N LEU A 129 -2.98 -11.92 28.82
CA LEU A 129 -1.92 -12.90 28.64
C LEU A 129 -2.20 -14.17 29.45
N ASN A 130 -3.32 -14.81 29.13
CA ASN A 130 -3.68 -16.03 29.82
C ASN A 130 -3.96 -17.16 28.84
N PRO A 131 -3.47 -18.37 29.10
CA PRO A 131 -3.64 -19.46 28.15
C PRO A 131 -4.99 -20.12 28.26
N ALA A 132 -5.27 -21.00 27.29
CA ALA A 132 -6.52 -21.75 27.29
C ALA A 132 -6.45 -22.90 28.28
N TYR A 133 -7.57 -23.20 28.91
CA TYR A 133 -7.67 -24.32 29.84
C TYR A 133 -8.89 -25.18 29.52
N ALA B 2 -8.91 -18.55 27.91
CA ALA B 2 -10.30 -18.99 27.92
C ALA B 2 -10.40 -20.49 28.10
N LYS B 3 -11.56 -21.04 27.77
CA LYS B 3 -11.80 -22.47 27.86
C LYS B 3 -11.80 -23.07 26.46
N LEU B 4 -11.04 -24.15 26.28
CA LEU B 4 -10.97 -24.81 24.99
C LEU B 4 -12.35 -25.30 24.56
N GLU B 5 -12.70 -25.02 23.32
CA GLU B 5 -13.96 -25.47 22.76
C GLU B 5 -13.80 -25.54 21.24
N THR B 6 -14.80 -26.10 20.58
CA THR B 6 -14.76 -26.20 19.13
C THR B 6 -14.66 -24.83 18.51
N VAL B 7 -13.71 -24.67 17.58
CA VAL B 7 -13.48 -23.41 16.89
C VAL B 7 -13.89 -23.59 15.44
N THR B 8 -14.81 -22.76 14.97
CA THR B 8 -15.26 -22.79 13.59
C THR B 8 -14.84 -21.50 12.90
N LEU B 9 -14.32 -21.64 11.68
CA LEU B 9 -13.80 -20.52 10.91
C LEU B 9 -14.58 -20.43 9.61
N GLY B 10 -15.21 -19.28 9.38
CA GLY B 10 -16.03 -19.10 8.21
C GLY B 10 -15.41 -18.17 7.18
N ASN B 11 -15.90 -18.25 5.94
CA ASN B 11 -15.41 -17.43 4.84
C ASN B 11 -13.90 -17.60 4.65
N ILE B 12 -13.43 -18.82 4.81
CA ILE B 12 -12.03 -19.15 4.66
C ILE B 12 -11.77 -19.55 3.21
N GLY B 13 -10.51 -19.53 2.81
CA GLY B 13 -10.12 -19.94 1.48
C GLY B 13 -9.96 -18.76 0.52
N LYS B 14 -9.47 -19.08 -0.67
CA LYS B 14 -9.25 -18.04 -1.67
C LYS B 14 -10.57 -17.44 -2.14
N ASP B 15 -11.52 -18.30 -2.52
CA ASP B 15 -12.81 -17.81 -2.99
C ASP B 15 -13.63 -17.21 -1.85
N GLY B 16 -13.38 -17.63 -0.62
CA GLY B 16 -14.08 -17.10 0.53
C GLY B 16 -15.36 -17.81 0.91
N LYS B 17 -15.57 -19.04 0.46
CA LYS B 17 -16.80 -19.77 0.75
C LYS B 17 -16.56 -21.02 1.60
N GLN B 18 -15.32 -21.39 1.88
CA GLN B 18 -15.04 -22.59 2.65
C GLN B 18 -15.17 -22.33 4.14
N THR B 19 -15.27 -23.42 4.90
CA THR B 19 -15.31 -23.36 6.36
C THR B 19 -14.38 -24.41 6.93
N LEU B 20 -14.17 -24.35 8.24
CA LEU B 20 -13.30 -25.31 8.92
C LEU B 20 -13.66 -25.35 10.39
N VAL B 21 -13.79 -26.55 10.95
CA VAL B 21 -14.10 -26.74 12.36
C VAL B 21 -12.97 -27.51 13.01
N LEU B 22 -12.54 -27.03 14.18
CA LEU B 22 -11.42 -27.60 14.91
C LEU B 22 -11.91 -28.09 16.26
N ASN B 23 -11.53 -29.31 16.62
CA ASN B 23 -11.95 -29.87 17.89
C ASN B 23 -10.79 -29.89 18.88
N PRO B 24 -11.05 -29.59 20.15
CA PRO B 24 -9.96 -29.52 21.12
C PRO B 24 -9.30 -30.88 21.34
N ARG B 25 -8.01 -30.83 21.65
CA ARG B 25 -7.22 -32.04 21.89
C ARG B 25 -6.42 -31.93 23.18
N GLY B 26 -6.89 -31.14 24.13
CA GLY B 26 -6.27 -31.04 25.43
C GLY B 26 -5.06 -30.13 25.46
N VAL B 27 -4.56 -29.91 26.68
CA VAL B 27 -3.41 -29.06 26.93
C VAL B 27 -2.28 -29.92 27.48
N ASN B 28 -1.14 -29.89 26.81
CA ASN B 28 0.00 -30.70 27.22
C ASN B 28 0.65 -30.07 28.45
N PRO B 29 0.71 -30.77 29.58
CA PRO B 29 1.31 -30.15 30.78
C PRO B 29 2.81 -29.96 30.70
N THR B 30 3.51 -30.72 29.86
CA THR B 30 4.97 -30.64 29.82
C THR B 30 5.46 -29.34 29.20
N ASN B 31 4.67 -28.73 28.32
CA ASN B 31 5.05 -27.46 27.71
C ASN B 31 3.90 -26.46 27.62
N GLY B 32 2.71 -26.80 28.08
CA GLY B 32 1.62 -25.86 28.09
C GLY B 32 1.11 -25.44 26.74
N VAL B 33 1.13 -26.34 25.76
CA VAL B 33 0.72 -26.04 24.40
C VAL B 33 -0.66 -26.62 24.17
N ALA B 34 -1.68 -25.77 24.08
CA ALA B 34 -3.00 -26.22 23.72
C ALA B 34 -3.04 -26.59 22.24
N SER B 35 -3.84 -27.59 21.91
CA SER B 35 -3.91 -28.10 20.54
C SER B 35 -5.35 -28.18 20.06
N LEU B 36 -5.55 -27.79 18.80
CA LEU B 36 -6.83 -27.95 18.12
C LEU B 36 -6.57 -28.69 16.82
N SER B 37 -7.36 -29.71 16.55
CA SER B 37 -7.18 -30.53 15.36
C SER B 37 -8.50 -30.71 14.65
N GLN B 38 -8.42 -31.20 13.42
CA GLN B 38 -9.59 -31.51 12.62
C GLN B 38 -10.03 -32.94 12.85
N ALA B 39 -11.23 -33.26 12.37
CA ALA B 39 -11.81 -34.59 12.55
C ALA B 39 -11.22 -35.54 11.53
N GLY B 40 -10.68 -36.66 12.00
CA GLY B 40 -10.09 -37.65 11.12
C GLY B 40 -9.52 -38.84 11.87
N ALA B 41 -9.59 -40.03 11.26
CA ALA B 41 -9.09 -41.22 11.93
C ALA B 41 -7.57 -41.27 11.93
N VAL B 42 -6.94 -40.93 10.81
CA VAL B 42 -5.50 -41.05 10.67
C VAL B 42 -4.81 -39.84 11.31
N PRO B 43 -3.90 -40.07 12.26
CA PRO B 43 -3.22 -38.94 12.91
C PRO B 43 -2.37 -38.09 11.98
N ALA B 44 -1.89 -38.65 10.88
CA ALA B 44 -0.93 -37.93 10.04
C ALA B 44 -1.59 -37.05 8.98
N LEU B 45 -2.90 -37.11 8.81
CA LEU B 45 -3.60 -36.31 7.81
C LEU B 45 -4.45 -35.21 8.42
N GLU B 46 -4.21 -34.85 9.68
CA GLU B 46 -5.01 -33.85 10.36
C GLU B 46 -4.43 -32.46 10.16
N LYS B 47 -5.29 -31.45 10.28
CA LYS B 47 -4.89 -30.05 10.30
C LYS B 47 -4.84 -29.59 11.74
N ARG B 48 -3.68 -29.15 12.21
CA ARG B 48 -3.45 -28.85 13.61
C ARG B 48 -3.19 -27.36 13.82
N VAL B 49 -3.71 -26.84 14.92
CA VAL B 49 -3.43 -25.49 15.39
C VAL B 49 -3.01 -25.59 16.85
N THR B 50 -1.83 -25.06 17.18
CA THR B 50 -1.32 -25.08 18.54
C THR B 50 -1.03 -23.66 18.99
N VAL B 51 -1.44 -23.34 20.22
CA VAL B 51 -1.25 -22.00 20.78
C VAL B 51 -0.69 -22.14 22.19
N SER B 52 0.18 -21.21 22.58
CA SER B 52 0.77 -21.24 23.91
C SER B 52 1.05 -19.82 24.38
N VAL B 53 1.17 -19.66 25.69
CA VAL B 53 1.60 -18.41 26.31
C VAL B 53 2.70 -18.75 27.29
N SER B 54 3.80 -18.00 27.25
CA SER B 54 4.98 -18.28 28.04
C SER B 54 5.19 -17.17 29.06
N GLN B 55 5.01 -17.49 30.34
CA GLN B 55 5.23 -16.52 31.39
C GLN B 55 6.72 -16.19 31.50
N PRO B 56 7.06 -14.96 31.86
CA PRO B 56 8.48 -14.59 31.93
C PRO B 56 9.21 -15.32 33.04
N SER B 57 10.49 -15.56 32.81
CA SER B 57 11.39 -16.17 33.78
C SER B 57 12.62 -15.29 33.92
N ARG B 58 13.59 -15.74 34.71
CA ARG B 58 14.81 -14.96 34.90
C ARG B 58 15.65 -14.90 33.65
N ASN B 59 15.53 -15.90 32.78
CA ASN B 59 16.32 -15.91 31.55
C ASN B 59 15.77 -14.96 30.49
N ARG B 60 14.44 -14.86 30.37
CA ARG B 60 13.81 -14.13 29.27
C ARG B 60 13.09 -12.87 29.70
N LYS B 61 12.46 -12.88 30.88
CA LYS B 61 11.72 -11.74 31.44
C LYS B 61 10.84 -11.03 30.40
N ASN B 62 10.22 -11.82 29.53
CA ASN B 62 9.25 -11.31 28.57
C ASN B 62 8.12 -12.31 28.41
N TYR B 63 6.97 -11.81 27.98
CA TYR B 63 5.84 -12.65 27.61
C TYR B 63 5.95 -13.03 26.15
N LYS B 64 5.67 -14.29 25.85
CA LYS B 64 5.84 -14.81 24.49
C LYS B 64 4.63 -15.66 24.14
N VAL B 65 3.74 -15.10 23.32
CA VAL B 65 2.59 -15.85 22.80
C VAL B 65 2.96 -16.41 21.44
N GLN B 66 2.67 -17.68 21.23
CA GLN B 66 3.06 -18.37 20.01
C GLN B 66 1.90 -19.16 19.44
N VAL B 67 1.76 -19.14 18.12
CA VAL B 67 0.72 -19.85 17.41
C VAL B 67 1.37 -20.59 16.25
N LYS B 68 0.95 -21.81 15.99
CA LYS B 68 1.48 -22.61 14.89
C LYS B 68 0.35 -23.24 14.10
N ILE B 69 0.60 -23.43 12.81
CA ILE B 69 -0.37 -24.02 11.89
C ILE B 69 0.38 -25.03 11.03
N GLN B 70 -0.23 -26.20 10.81
CA GLN B 70 0.39 -27.28 10.07
C GLN B 70 -0.67 -27.93 9.18
N ASN B 71 -0.50 -27.84 7.88
CA ASN B 71 -1.48 -28.36 6.93
C ASN B 71 -0.85 -29.38 5.99
N PRO B 72 -1.14 -30.66 6.14
CA PRO B 72 -0.61 -31.67 5.21
C PRO B 72 -1.58 -31.96 4.08
N THR B 73 -1.00 -32.37 2.95
CA THR B 73 -1.76 -32.79 1.78
C THR B 73 -1.39 -34.24 1.44
N ALA B 74 -2.39 -35.02 1.06
CA ALA B 74 -2.22 -36.45 0.82
C ALA B 74 -2.69 -36.81 -0.58
N CYS B 75 -2.14 -37.92 -1.08
CA CYS B 75 -2.51 -38.43 -2.39
C CYS B 75 -2.19 -39.93 -2.43
N THR B 76 -2.98 -40.67 -3.21
CA THR B 76 -2.79 -42.10 -3.39
C THR B 76 -2.02 -42.33 -4.69
N ALA B 77 -0.73 -42.65 -4.56
CA ALA B 77 0.12 -42.87 -5.74
C ALA B 77 -0.22 -44.19 -6.41
N SER B 80 -0.51 -46.68 -4.36
CA SER B 80 -0.58 -47.56 -3.21
C SER B 80 -2.02 -47.72 -2.73
N CYS B 81 -2.22 -48.56 -1.70
CA CYS B 81 -3.57 -48.84 -1.23
C CYS B 81 -4.16 -47.64 -0.49
N ASP B 82 -3.36 -46.96 0.33
CA ASP B 82 -3.87 -45.90 1.18
C ASP B 82 -3.07 -44.61 0.98
N PRO B 83 -3.71 -43.46 1.17
CA PRO B 83 -3.01 -42.18 0.93
C PRO B 83 -1.88 -41.96 1.92
N SER B 84 -0.87 -41.22 1.46
CA SER B 84 0.28 -40.85 2.28
C SER B 84 0.51 -39.35 2.14
N VAL B 85 1.34 -38.81 3.03
CA VAL B 85 1.60 -37.37 3.07
C VAL B 85 2.62 -37.03 2.00
N THR B 86 2.28 -36.09 1.13
CA THR B 86 3.17 -35.66 0.06
C THR B 86 4.05 -34.48 0.47
N ARG B 87 3.44 -33.43 1.02
CA ARG B 87 4.15 -32.20 1.34
C ARG B 87 3.48 -31.53 2.53
N GLN B 88 4.20 -30.60 3.15
CA GLN B 88 3.71 -29.87 4.30
C GLN B 88 3.66 -28.38 3.99
N ALA B 89 2.76 -27.68 4.68
CA ALA B 89 2.68 -26.23 4.63
C ALA B 89 2.61 -25.71 6.06
N TYR B 90 3.57 -24.86 6.43
CA TYR B 90 3.70 -24.39 7.80
C TYR B 90 3.38 -22.90 7.89
N ALA B 91 3.19 -22.44 9.11
CA ALA B 91 2.92 -21.05 9.41
C ALA B 91 3.17 -20.84 10.89
N ASP B 92 3.94 -19.81 11.23
CA ASP B 92 4.32 -19.56 12.62
C ASP B 92 4.14 -18.09 12.93
N VAL B 93 3.63 -17.80 14.13
CA VAL B 93 3.44 -16.45 14.62
C VAL B 93 3.99 -16.40 16.04
N THR B 94 4.56 -15.25 16.42
CA THR B 94 5.01 -15.07 17.80
C THR B 94 4.94 -13.59 18.16
N PHE B 95 4.57 -13.32 19.41
CA PHE B 95 4.46 -11.98 19.93
C PHE B 95 5.33 -11.84 21.17
N SER B 96 5.88 -10.65 21.37
CA SER B 96 6.68 -10.36 22.55
C SER B 96 6.18 -9.08 23.21
N PHE B 97 5.97 -9.14 24.53
CA PHE B 97 5.50 -8.01 25.29
C PHE B 97 6.29 -7.92 26.58
N THR B 98 6.39 -6.69 27.12
CA THR B 98 7.07 -6.47 28.38
C THR B 98 6.07 -6.52 29.53
N GLN B 99 6.58 -6.43 30.75
CA GLN B 99 5.72 -6.53 31.93
C GLN B 99 4.80 -5.34 32.09
N TYR B 100 5.10 -4.21 31.44
CA TYR B 100 4.33 -2.99 31.62
C TYR B 100 3.45 -2.66 30.42
N SER B 101 3.33 -3.57 29.46
CA SER B 101 2.51 -3.32 28.29
C SER B 101 1.04 -3.29 28.66
N THR B 102 0.32 -2.28 28.18
CA THR B 102 -1.11 -2.19 28.40
C THR B 102 -1.87 -2.96 27.33
N ASP B 103 -3.09 -3.38 27.68
CA ASP B 103 -3.86 -4.23 26.79
C ASP B 103 -4.19 -3.54 25.48
N GLU B 104 -4.24 -2.22 25.47
CA GLU B 104 -4.51 -1.49 24.23
C GLU B 104 -3.43 -1.74 23.20
N GLU B 105 -2.16 -1.72 23.63
CA GLU B 105 -1.07 -1.96 22.69
C GLU B 105 -1.11 -3.38 22.13
N ARG B 106 -1.40 -4.36 22.98
CA ARG B 106 -1.47 -5.74 22.52
C ARG B 106 -2.61 -5.95 21.54
N ALA B 107 -3.78 -5.36 21.84
CA ALA B 107 -4.89 -5.43 20.91
C ALA B 107 -4.57 -4.75 19.60
N PHE B 108 -3.88 -3.60 19.66
CA PHE B 108 -3.50 -2.91 18.42
C PHE B 108 -2.58 -3.77 17.57
N VAL B 109 -1.61 -4.42 18.20
CA VAL B 109 -0.70 -5.29 17.45
C VAL B 109 -1.47 -6.43 16.80
N ARG B 110 -2.36 -7.06 17.56
CA ARG B 110 -3.11 -8.20 17.01
C ARG B 110 -3.99 -7.77 15.84
N THR B 111 -4.71 -6.66 15.99
CA THR B 111 -5.61 -6.22 14.91
C THR B 111 -4.82 -5.73 13.70
N GLU B 112 -3.68 -5.07 13.91
CA GLU B 112 -2.86 -4.66 12.79
C GLU B 112 -2.34 -5.85 12.01
N LEU B 113 -1.89 -6.89 12.71
CA LEU B 113 -1.44 -8.09 12.02
C LEU B 113 -2.59 -8.77 11.29
N ALA B 114 -3.78 -8.77 11.88
CA ALA B 114 -4.93 -9.37 11.20
C ALA B 114 -5.29 -8.60 9.93
N ALA B 115 -5.22 -7.28 9.98
CA ALA B 115 -5.60 -6.46 8.83
C ALA B 115 -4.55 -6.45 7.74
N LEU B 116 -3.27 -6.62 8.09
CA LEU B 116 -2.23 -6.65 7.07
C LEU B 116 -2.40 -7.84 6.13
N LEU B 117 -2.83 -8.98 6.65
CA LEU B 117 -2.91 -10.19 5.84
C LEU B 117 -3.97 -10.11 4.76
N ALA B 118 -4.88 -9.13 4.84
CA ALA B 118 -5.92 -8.95 3.83
C ALA B 118 -5.60 -7.87 2.81
N SER B 119 -4.47 -7.20 2.94
CA SER B 119 -4.08 -6.13 2.03
C SER B 119 -3.51 -6.72 0.74
N PRO B 120 -3.54 -5.94 -0.35
CA PRO B 120 -2.99 -6.45 -1.62
C PRO B 120 -1.53 -6.84 -1.54
N LEU B 121 -0.73 -6.15 -0.70
CA LEU B 121 0.69 -6.47 -0.60
C LEU B 121 0.90 -7.91 -0.15
N LEU B 122 0.29 -8.29 0.97
CA LEU B 122 0.45 -9.65 1.48
C LEU B 122 -0.25 -10.67 0.60
N ILE B 123 -1.39 -10.32 0.02
CA ILE B 123 -2.06 -11.24 -0.89
C ILE B 123 -1.16 -11.59 -2.06
N ASP B 124 -0.45 -10.61 -2.60
CA ASP B 124 0.42 -10.90 -3.73
C ASP B 124 1.70 -11.60 -3.27
N ALA B 125 2.22 -11.22 -2.10
CA ALA B 125 3.48 -11.81 -1.66
C ALA B 125 3.34 -13.27 -1.26
N ILE B 126 2.20 -13.67 -0.71
CA ILE B 126 2.03 -15.03 -0.22
C ILE B 126 1.40 -15.94 -1.27
N ASP B 127 0.29 -15.51 -1.87
CA ASP B 127 -0.41 -16.37 -2.81
C ASP B 127 0.41 -16.59 -4.07
N GLN B 128 0.89 -15.51 -4.68
CA GLN B 128 1.61 -15.57 -5.95
C GLN B 128 3.11 -15.62 -5.78
N LEU B 129 3.61 -15.54 -4.55
CA LEU B 129 5.04 -15.61 -4.26
C LEU B 129 5.82 -14.51 -4.98
N ASN B 130 5.17 -13.38 -5.21
CA ASN B 130 5.81 -12.24 -5.87
C ASN B 130 6.47 -11.35 -4.83
N PRO B 131 7.78 -11.17 -4.87
CA PRO B 131 8.42 -10.29 -3.89
C PRO B 131 8.01 -8.84 -4.10
N ALA B 132 7.94 -8.10 -3.00
CA ALA B 132 7.52 -6.71 -3.07
C ALA B 132 8.58 -5.87 -3.76
N TYR B 133 8.18 -5.13 -4.79
CA TYR B 133 9.12 -4.35 -5.57
C TYR B 133 8.42 -3.19 -6.29
N VAL C 5 -23.46 12.69 7.37
CA VAL C 5 -22.17 12.77 6.66
C VAL C 5 -22.38 13.23 5.23
N GLN C 6 -22.00 14.47 4.94
CA GLN C 6 -22.12 15.01 3.60
C GLN C 6 -20.99 15.99 3.36
N LEU C 7 -20.71 16.24 2.09
CA LEU C 7 -19.56 17.04 1.67
C LEU C 7 -20.07 18.24 0.87
N GLN C 8 -19.98 19.43 1.47
CA GLN C 8 -20.39 20.65 0.78
C GLN C 8 -19.39 21.02 -0.30
N GLN C 9 -19.90 21.50 -1.43
CA GLN C 9 -19.06 22.04 -2.49
C GLN C 9 -19.62 23.39 -2.93
N PRO C 10 -18.75 24.33 -3.32
CA PRO C 10 -19.23 25.69 -3.61
C PRO C 10 -20.23 25.76 -4.75
N GLY C 11 -20.08 24.93 -5.77
CA GLY C 11 -20.93 24.98 -6.94
C GLY C 11 -20.17 25.46 -8.16
N THR C 12 -20.92 25.70 -9.23
CA THR C 12 -20.33 26.06 -10.51
C THR C 12 -19.55 27.37 -10.40
N GLU C 13 -18.43 27.44 -11.12
CA GLU C 13 -17.61 28.63 -11.20
C GLU C 13 -17.15 28.84 -12.63
N LEU C 14 -16.89 30.11 -12.97
CA LEU C 14 -16.46 30.49 -14.32
C LEU C 14 -15.16 31.27 -14.22
N VAL C 15 -14.18 30.89 -15.04
CA VAL C 15 -12.87 31.51 -15.03
C VAL C 15 -12.36 31.64 -16.45
N LYS C 16 -11.57 32.68 -16.70
CA LYS C 16 -10.96 32.92 -18.00
C LYS C 16 -9.80 31.96 -18.23
N PRO C 17 -9.44 31.72 -19.49
CA PRO C 17 -8.34 30.79 -19.79
C PRO C 17 -7.02 31.29 -19.23
N GLY C 18 -6.11 30.34 -18.98
CA GLY C 18 -4.80 30.66 -18.46
C GLY C 18 -4.80 31.20 -17.04
N ALA C 19 -5.57 30.60 -16.15
CA ALA C 19 -5.67 31.04 -14.77
C ALA C 19 -5.66 29.80 -13.86
N SER C 20 -5.84 30.04 -12.56
CA SER C 20 -5.85 28.99 -11.56
C SER C 20 -7.11 29.08 -10.71
N VAL C 21 -7.60 27.92 -10.28
CA VAL C 21 -8.88 27.84 -9.58
C VAL C 21 -8.67 27.01 -8.32
N LYS C 22 -9.45 27.31 -7.28
CA LYS C 22 -9.23 26.73 -5.95
C LYS C 22 -9.91 25.38 -5.75
N LEU C 23 -11.14 25.20 -6.23
CA LEU C 23 -11.91 23.97 -6.01
C LEU C 23 -11.99 23.63 -4.52
N SER C 24 -12.70 24.48 -3.78
CA SER C 24 -12.82 24.30 -2.35
C SER C 24 -13.71 23.11 -2.02
N CYS C 25 -13.63 22.67 -0.76
CA CYS C 25 -14.44 21.56 -0.27
C CYS C 25 -14.63 21.71 1.23
N LYS C 26 -15.66 21.04 1.75
CA LYS C 26 -15.97 21.08 3.16
C LYS C 26 -16.48 19.72 3.61
N ALA C 27 -15.99 19.25 4.76
CA ALA C 27 -16.34 17.95 5.30
C ALA C 27 -17.08 18.11 6.61
N SER C 28 -18.21 17.42 6.74
CA SER C 28 -19.04 17.54 7.94
C SER C 28 -19.54 16.16 8.34
N GLY C 29 -19.80 16.01 9.64
CA GLY C 29 -20.40 14.81 10.18
C GLY C 29 -19.44 13.71 10.57
N TYR C 30 -18.15 13.86 10.27
CA TYR C 30 -17.17 12.83 10.57
C TYR C 30 -15.83 13.48 10.83
N THR C 31 -14.95 12.74 11.50
CA THR C 31 -13.60 13.25 11.74
C THR C 31 -12.81 13.32 10.44
N PHE C 32 -12.49 14.55 10.03
CA PHE C 32 -11.76 14.76 8.79
C PHE C 32 -10.37 14.13 8.85
N THR C 33 -9.89 13.88 10.06
CA THR C 33 -8.52 13.43 10.30
C THR C 33 -8.25 12.04 9.70
N ASN C 34 -9.23 11.14 9.71
CA ASN C 34 -8.94 9.73 9.51
C ASN C 34 -9.01 9.29 8.05
N TYR C 35 -9.85 9.90 7.23
CA TYR C 35 -10.21 9.35 5.93
C TYR C 35 -9.51 10.09 4.79
N TRP C 36 -9.18 9.35 3.73
CA TRP C 36 -8.64 9.93 2.52
C TRP C 36 -9.72 10.72 1.78
N MET C 37 -9.26 11.58 0.87
CA MET C 37 -10.16 12.37 0.02
C MET C 37 -9.72 12.22 -1.42
N HIS C 38 -10.63 11.77 -2.27
CA HIS C 38 -10.35 11.59 -3.70
C HIS C 38 -10.94 12.73 -4.49
N TRP C 39 -10.36 12.97 -5.67
CA TRP C 39 -10.85 13.97 -6.60
C TRP C 39 -11.06 13.31 -7.96
N VAL C 40 -12.25 13.49 -8.53
CA VAL C 40 -12.65 12.81 -9.75
C VAL C 40 -13.18 13.84 -10.73
N LYS C 41 -12.72 13.78 -11.98
CA LYS C 41 -13.16 14.68 -13.04
C LYS C 41 -14.06 13.92 -14.01
N GLN C 42 -15.20 14.50 -14.33
CA GLN C 42 -16.15 13.92 -15.28
C GLN C 42 -16.42 14.91 -16.41
N ARG C 43 -15.81 14.68 -17.55
CA ARG C 43 -16.12 15.47 -18.74
C ARG C 43 -17.51 15.06 -19.25
N PRO C 44 -18.36 16.02 -19.61
CA PRO C 44 -19.75 15.67 -20.00
C PRO C 44 -19.77 14.71 -21.18
N GLY C 45 -20.28 13.51 -20.92
CA GLY C 45 -20.37 12.48 -21.93
C GLY C 45 -19.12 11.64 -22.13
N GLN C 46 -18.09 11.84 -21.30
CA GLN C 46 -16.82 11.14 -21.47
C GLN C 46 -16.45 10.23 -20.32
N GLY C 47 -17.31 10.06 -19.32
CA GLY C 47 -17.04 9.14 -18.24
C GLY C 47 -16.18 9.75 -17.14
N LEU C 48 -15.93 8.94 -16.12
CA LEU C 48 -15.22 9.37 -14.94
C LEU C 48 -13.72 9.16 -15.10
N GLU C 49 -12.95 10.00 -14.41
CA GLU C 49 -11.49 9.89 -14.39
C GLU C 49 -11.00 10.23 -12.99
N TRP C 50 -9.87 9.63 -12.61
CA TRP C 50 -9.32 9.75 -11.27
C TRP C 50 -8.17 10.73 -11.29
N ILE C 51 -8.24 11.76 -10.43
CA ILE C 51 -7.19 12.76 -10.35
C ILE C 51 -6.15 12.32 -9.35
N GLY C 52 -6.55 12.18 -8.09
CA GLY C 52 -5.62 11.79 -7.05
C GLY C 52 -6.30 11.77 -5.70
N MET C 53 -5.51 11.46 -4.68
CA MET C 53 -5.99 11.34 -3.32
C MET C 53 -5.03 12.05 -2.37
N ILE C 54 -5.55 12.48 -1.24
CA ILE C 54 -4.75 13.16 -0.22
C ILE C 54 -5.16 12.69 1.16
N HIS C 55 -4.19 12.67 2.08
CA HIS C 55 -4.43 12.23 3.45
C HIS C 55 -4.33 13.41 4.40
N PRO C 56 -5.40 13.74 5.12
CA PRO C 56 -5.38 14.94 5.97
C PRO C 56 -4.30 14.94 7.05
N ASP C 57 -3.91 13.77 7.57
CA ASP C 57 -2.94 13.74 8.67
C ASP C 57 -1.65 14.44 8.28
N SER C 58 -0.92 13.88 7.33
CA SER C 58 0.23 14.51 6.70
C SER C 58 -0.01 14.49 5.21
N GLY C 59 0.32 15.57 4.52
CA GLY C 59 0.07 15.64 3.09
C GLY C 59 0.76 14.49 2.40
N THR C 60 -0.01 13.47 2.00
CA THR C 60 0.51 12.27 1.39
C THR C 60 -0.31 12.02 0.13
N THR C 61 0.09 12.65 -0.96
CA THR C 61 -0.72 12.62 -2.16
C THR C 61 -0.32 11.46 -3.06
N ASN C 62 -1.26 11.06 -3.90
CA ASN C 62 -1.01 10.13 -4.99
C ASN C 62 -1.62 10.71 -6.25
N TYR C 63 -0.98 10.46 -7.39
CA TYR C 63 -1.38 11.09 -8.63
C TYR C 63 -1.43 10.07 -9.75
N ASN C 64 -2.17 10.42 -10.80
CA ASN C 64 -2.45 9.54 -11.92
C ASN C 64 -1.25 9.33 -12.83
N GLU C 65 -0.15 10.06 -12.62
CA GLU C 65 0.98 10.18 -13.54
C GLU C 65 0.55 11.03 -14.72
N LYS C 66 -0.74 11.32 -14.76
CA LYS C 66 -1.35 12.39 -15.54
C LYS C 66 -1.98 13.34 -14.53
N PHE C 67 -2.14 14.60 -14.92
CA PHE C 67 -2.52 15.70 -14.04
C PHE C 67 -1.41 16.02 -13.04
N LYS C 68 -0.19 15.54 -13.26
CA LYS C 68 0.92 15.87 -12.37
C LYS C 68 1.15 17.37 -12.31
N SER C 69 1.30 17.99 -13.48
CA SER C 69 1.52 19.43 -13.52
C SER C 69 0.22 20.22 -13.35
N LYS C 70 -0.88 19.69 -13.86
CA LYS C 70 -2.13 20.46 -13.90
C LYS C 70 -2.74 20.61 -12.51
N ALA C 71 -2.76 19.54 -11.73
CA ALA C 71 -3.47 19.53 -10.45
C ALA C 71 -2.50 19.32 -9.29
N THR C 72 -2.71 20.09 -8.22
CA THR C 72 -2.00 19.89 -6.97
C THR C 72 -3.01 19.94 -5.83
N LEU C 73 -2.77 19.14 -4.80
CA LEU C 73 -3.73 18.93 -3.73
C LEU C 73 -3.14 19.39 -2.41
N THR C 74 -3.92 20.13 -1.63
CA THR C 74 -3.56 20.54 -0.28
C THR C 74 -4.81 20.50 0.59
N VAL C 75 -4.59 20.32 1.89
CA VAL C 75 -5.66 20.34 2.87
C VAL C 75 -5.23 21.16 4.07
N ASP C 76 -6.12 22.02 4.54
CA ASP C 76 -5.92 22.67 5.83
C ASP C 76 -6.46 21.80 6.96
N LYS C 77 -5.75 21.83 8.09
CA LYS C 77 -6.00 20.85 9.15
C LYS C 77 -7.36 21.07 9.81
N SER C 78 -7.63 22.30 10.23
CA SER C 78 -8.89 22.64 10.87
C SER C 78 -9.83 23.26 9.83
N SER C 79 -11.05 23.56 10.26
CA SER C 79 -12.12 24.09 9.41
C SER C 79 -12.61 23.03 8.42
N ASN C 80 -12.00 21.84 8.46
CA ASN C 80 -12.46 20.67 7.72
C ASN C 80 -12.61 20.97 6.23
N THR C 81 -11.53 21.43 5.62
CA THR C 81 -11.57 21.94 4.26
C THR C 81 -10.48 21.28 3.42
N ALA C 82 -10.80 21.01 2.15
CA ALA C 82 -9.86 20.47 1.19
C ALA C 82 -9.85 21.34 -0.06
N TYR C 83 -8.73 21.33 -0.78
CA TYR C 83 -8.53 22.20 -1.92
C TYR C 83 -7.98 21.41 -3.10
N MET C 84 -8.11 22.01 -4.29
CA MET C 84 -7.57 21.43 -5.53
C MET C 84 -7.21 22.56 -6.48
N GLN C 85 -5.93 22.89 -6.54
CA GLN C 85 -5.45 23.98 -7.38
C GLN C 85 -5.15 23.46 -8.79
N LEU C 86 -5.83 24.01 -9.79
CA LEU C 86 -5.56 23.70 -11.18
C LEU C 86 -4.65 24.79 -11.74
N SER C 87 -3.41 24.42 -12.06
CA SER C 87 -2.40 25.41 -12.40
C SER C 87 -2.76 26.15 -13.69
N SER C 88 -3.02 25.40 -14.76
CA SER C 88 -3.30 25.98 -16.07
C SER C 88 -4.63 25.47 -16.58
N LEU C 89 -5.50 26.38 -17.01
CA LEU C 89 -6.82 26.04 -17.51
C LEU C 89 -6.97 26.58 -18.93
N THR C 90 -6.82 25.69 -19.91
CA THR C 90 -7.06 26.06 -21.29
C THR C 90 -8.55 26.11 -21.62
N SER C 91 -9.41 25.72 -20.68
CA SER C 91 -10.86 25.69 -20.83
C SER C 91 -11.29 24.62 -21.83
N GLU C 92 -10.31 23.95 -22.45
CA GLU C 92 -10.62 22.75 -23.22
C GLU C 92 -10.99 21.60 -22.30
N ASP C 93 -10.36 21.52 -21.13
CA ASP C 93 -10.67 20.50 -20.13
C ASP C 93 -11.70 21.02 -19.14
N SER C 94 -12.84 21.44 -19.68
CA SER C 94 -13.96 21.90 -18.87
C SER C 94 -14.82 20.70 -18.49
N ALA C 95 -15.05 20.52 -17.19
CA ALA C 95 -15.74 19.34 -16.71
C ALA C 95 -16.28 19.64 -15.31
N VAL C 96 -16.86 18.60 -14.70
CA VAL C 96 -17.38 18.67 -13.34
C VAL C 96 -16.46 17.88 -12.44
N TYR C 97 -16.06 18.48 -11.32
CA TYR C 97 -15.09 17.88 -10.41
C TYR C 97 -15.81 17.51 -9.12
N TYR C 98 -15.68 16.24 -8.73
CA TYR C 98 -16.25 15.75 -7.48
C TYR C 98 -15.13 15.50 -6.47
N CYS C 99 -15.54 15.21 -5.24
CA CYS C 99 -14.60 14.92 -4.15
C CYS C 99 -15.21 13.88 -3.24
N ALA C 100 -14.93 12.61 -3.51
CA ALA C 100 -15.45 11.51 -2.71
C ALA C 100 -14.58 11.27 -1.50
N ARG C 101 -15.15 10.61 -0.49
CA ARG C 101 -14.44 10.26 0.72
C ARG C 101 -14.06 8.78 0.63
N GLY C 102 -12.76 8.50 0.63
CA GLY C 102 -12.30 7.13 0.47
C GLY C 102 -12.39 6.36 1.78
N VAL C 103 -12.75 5.08 1.66
CA VAL C 103 -12.87 4.19 2.80
C VAL C 103 -12.04 2.93 2.53
N PHE C 104 -11.28 2.51 3.53
CA PHE C 104 -10.31 1.43 3.34
C PHE C 104 -10.36 0.43 4.49
N TYR C 105 -11.55 -0.02 4.84
CA TYR C 105 -11.65 -1.07 5.84
C TYR C 105 -11.20 -2.40 5.25
N ILE C 106 -11.21 -3.44 6.07
CA ILE C 106 -10.80 -4.76 5.62
C ILE C 106 -11.88 -5.35 4.73
N ASN C 107 -11.50 -5.76 3.52
CA ASN C 107 -12.42 -6.29 2.52
C ASN C 107 -13.51 -5.28 2.19
N TYR C 108 -13.18 -4.00 2.27
CA TYR C 108 -14.14 -2.91 2.03
C TYR C 108 -13.36 -1.76 1.43
N TYR C 109 -13.29 -1.73 0.10
CA TYR C 109 -12.55 -0.71 -0.63
C TYR C 109 -13.51 -0.03 -1.61
N ALA C 110 -13.74 1.26 -1.41
CA ALA C 110 -14.71 1.98 -2.24
C ALA C 110 -14.57 3.47 -1.97
N MET C 111 -15.32 4.26 -2.74
CA MET C 111 -15.52 5.67 -2.48
C MET C 111 -17.00 5.90 -2.25
N ASP C 112 -17.35 6.42 -1.08
CA ASP C 112 -18.72 6.69 -0.72
C ASP C 112 -18.87 8.15 -0.31
N TYR C 113 -20.11 8.63 -0.33
CA TYR C 113 -20.43 10.03 -0.04
C TYR C 113 -19.69 10.97 -0.99
N TRP C 114 -20.05 10.86 -2.27
CA TRP C 114 -19.37 11.60 -3.33
C TRP C 114 -19.47 13.12 -3.18
N GLY C 115 -20.68 13.66 -3.26
CA GLY C 115 -20.87 15.09 -3.21
C GLY C 115 -21.49 15.64 -4.48
N GLN C 116 -21.84 16.93 -4.41
CA GLN C 116 -22.59 17.56 -5.49
C GLN C 116 -21.73 17.75 -6.74
N GLY C 117 -20.53 18.26 -6.57
CA GLY C 117 -19.67 18.54 -7.71
C GLY C 117 -19.82 19.97 -8.20
N THR C 118 -18.74 20.47 -8.82
CA THR C 118 -18.71 21.83 -9.34
C THR C 118 -18.29 21.80 -10.80
N SER C 119 -18.89 22.68 -11.60
CA SER C 119 -18.59 22.79 -13.02
C SER C 119 -17.70 24.00 -13.26
N VAL C 120 -16.66 23.81 -14.07
CA VAL C 120 -15.69 24.86 -14.36
C VAL C 120 -15.68 25.10 -15.86
N SER C 121 -15.83 26.35 -16.27
CA SER C 121 -15.84 26.71 -17.69
C SER C 121 -14.43 26.71 -18.27
N ILE D 5 -2.97 -1.66 -14.79
CA ILE D 5 -4.17 -2.44 -15.01
C ILE D 5 -5.27 -1.57 -15.62
N GLN D 6 -5.83 -2.03 -16.73
CA GLN D 6 -6.84 -1.28 -17.48
C GLN D 6 -8.15 -2.05 -17.42
N MET D 7 -9.21 -1.37 -16.96
CA MET D 7 -10.54 -1.97 -16.91
C MET D 7 -11.34 -1.55 -18.14
N THR D 8 -12.15 -2.47 -18.64
CA THR D 8 -13.01 -2.18 -19.78
C THR D 8 -14.36 -2.86 -19.58
N GLN D 9 -15.40 -2.26 -20.14
CA GLN D 9 -16.75 -2.80 -20.11
C GLN D 9 -17.16 -3.18 -21.53
N SER D 10 -17.66 -4.40 -21.70
CA SER D 10 -17.92 -4.92 -23.04
C SER D 10 -19.16 -4.31 -23.70
N PRO D 11 -20.35 -4.25 -23.05
CA PRO D 11 -21.55 -3.85 -23.79
C PRO D 11 -21.53 -2.41 -24.27
N ALA D 12 -21.30 -1.47 -23.35
CA ALA D 12 -21.22 -0.03 -23.58
C ALA D 12 -22.56 0.58 -23.98
N SER D 13 -23.60 -0.25 -24.21
CA SER D 13 -24.93 0.23 -24.53
C SER D 13 -25.92 -0.93 -24.42
N LEU D 14 -27.03 -0.73 -23.71
CA LEU D 14 -27.99 -1.78 -23.47
C LEU D 14 -29.40 -1.21 -23.54
N SER D 15 -30.30 -1.94 -24.18
CA SER D 15 -31.64 -1.43 -24.45
C SER D 15 -32.76 -2.17 -23.73
N ALA D 16 -32.45 -3.21 -22.95
CA ALA D 16 -33.49 -3.97 -22.26
C ALA D 16 -34.28 -3.07 -21.34
N SER D 17 -35.60 -2.99 -21.58
CA SER D 17 -36.40 -1.96 -20.93
C SER D 17 -36.86 -2.37 -19.53
N VAL D 18 -37.70 -3.39 -19.42
CA VAL D 18 -38.40 -3.69 -18.17
C VAL D 18 -38.57 -5.21 -18.06
N GLY D 19 -38.38 -5.73 -16.85
CA GLY D 19 -38.70 -7.12 -16.57
C GLY D 19 -37.55 -8.07 -16.79
N GLU D 20 -37.01 -8.08 -18.00
CA GLU D 20 -35.94 -9.02 -18.35
C GLU D 20 -34.67 -8.71 -17.56
N THR D 21 -33.93 -9.76 -17.24
CA THR D 21 -32.65 -9.62 -16.56
C THR D 21 -31.61 -9.06 -17.51
N VAL D 22 -30.66 -8.30 -16.95
CA VAL D 22 -29.58 -7.72 -17.72
C VAL D 22 -28.26 -8.05 -17.03
N THR D 23 -27.19 -8.02 -17.83
CA THR D 23 -25.85 -8.28 -17.31
C THR D 23 -24.88 -7.28 -17.91
N ILE D 24 -23.88 -6.90 -17.12
CA ILE D 24 -22.80 -6.03 -17.56
C ILE D 24 -21.49 -6.69 -17.17
N THR D 25 -20.62 -6.92 -18.13
CA THR D 25 -19.36 -7.60 -17.91
C THR D 25 -18.22 -6.60 -17.80
N CYS D 26 -17.08 -7.10 -17.33
CA CYS D 26 -15.89 -6.27 -17.18
C CYS D 26 -14.65 -7.14 -17.37
N ARG D 27 -13.57 -6.51 -17.82
CA ARG D 27 -12.31 -7.19 -18.03
C ARG D 27 -11.17 -6.33 -17.48
N ALA D 28 -10.16 -6.97 -16.93
CA ALA D 28 -8.98 -6.29 -16.42
C ALA D 28 -7.74 -6.87 -17.09
N SER D 29 -6.81 -5.99 -17.44
CA SER D 29 -5.60 -6.45 -18.13
C SER D 29 -4.73 -7.31 -17.22
N GLY D 30 -4.86 -7.14 -15.90
CA GLY D 30 -4.13 -7.93 -14.94
C GLY D 30 -5.09 -8.65 -14.00
N ASN D 31 -4.49 -9.41 -13.08
CA ASN D 31 -5.28 -10.13 -12.08
C ASN D 31 -5.51 -9.25 -10.87
N ILE D 32 -6.77 -8.95 -10.60
CA ILE D 32 -7.17 -8.22 -9.40
C ILE D 32 -7.99 -9.18 -8.54
N HIS D 33 -7.58 -9.34 -7.27
CA HIS D 33 -8.16 -10.36 -6.40
C HIS D 33 -9.43 -9.81 -5.74
N TYR D 34 -10.47 -9.70 -6.56
CA TYR D 34 -11.81 -9.26 -6.17
C TYR D 34 -11.88 -7.83 -5.70
N PHE D 35 -10.86 -7.01 -5.95
CA PHE D 35 -10.86 -5.61 -5.53
C PHE D 35 -11.53 -4.77 -6.61
N LEU D 36 -12.85 -4.81 -6.64
CA LEU D 36 -13.62 -4.12 -7.66
C LEU D 36 -14.91 -3.58 -7.07
N ALA D 37 -15.33 -2.41 -7.55
CA ALA D 37 -16.55 -1.77 -7.08
C ALA D 37 -17.37 -1.30 -8.27
N TRP D 38 -18.70 -1.27 -8.08
CA TRP D 38 -19.62 -0.83 -9.11
C TRP D 38 -20.33 0.43 -8.66
N TYR D 39 -20.43 1.41 -9.57
CA TYR D 39 -21.03 2.70 -9.28
C TYR D 39 -22.20 2.94 -10.23
N GLN D 40 -23.27 3.55 -9.71
CA GLN D 40 -24.45 3.88 -10.49
C GLN D 40 -24.66 5.38 -10.47
N GLN D 41 -24.87 5.97 -11.65
CA GLN D 41 -25.11 7.40 -11.79
C GLN D 41 -26.42 7.62 -12.54
N LYS D 42 -27.33 8.35 -11.91
CA LYS D 42 -28.56 8.78 -12.57
C LYS D 42 -28.34 10.15 -13.20
N GLN D 43 -29.43 10.81 -13.59
CA GLN D 43 -29.34 12.15 -14.14
C GLN D 43 -28.95 13.19 -13.11
N GLY D 44 -28.93 12.83 -11.83
CA GLY D 44 -28.50 13.75 -10.78
C GLY D 44 -27.00 13.98 -10.74
N LYS D 45 -26.24 13.24 -11.54
CA LYS D 45 -24.80 13.44 -11.71
C LYS D 45 -24.01 13.21 -10.43
N SER D 46 -24.57 12.49 -9.47
CA SER D 46 -23.85 12.10 -8.26
C SER D 46 -23.85 10.58 -8.16
N PRO D 47 -22.73 9.91 -8.43
CA PRO D 47 -22.72 8.44 -8.41
C PRO D 47 -23.01 7.86 -7.02
N GLN D 48 -23.70 6.72 -7.02
CA GLN D 48 -23.90 5.91 -5.83
C GLN D 48 -22.94 4.73 -5.86
N LEU D 49 -22.94 3.97 -4.77
CA LEU D 49 -22.04 2.83 -4.61
C LEU D 49 -22.83 1.53 -4.58
N LEU D 50 -22.27 0.50 -5.22
CA LEU D 50 -22.88 -0.82 -5.25
C LEU D 50 -21.78 -1.87 -5.02
N VAL D 51 -22.19 -3.01 -4.48
CA VAL D 51 -21.37 -4.22 -4.48
C VAL D 51 -20.06 -4.05 -3.73
N TYR D 52 -19.16 -3.23 -4.26
CA TYR D 52 -17.88 -2.79 -3.71
C TYR D 52 -16.88 -3.90 -3.41
N HIS D 53 -17.22 -5.18 -3.64
CA HIS D 53 -16.19 -6.21 -3.55
C HIS D 53 -16.39 -7.26 -4.64
N ALA D 54 -17.15 -6.90 -5.67
CA ALA D 54 -17.46 -7.78 -6.80
C ALA D 54 -18.35 -8.94 -6.38
N GLU D 55 -18.59 -9.10 -5.08
CA GLU D 55 -19.53 -10.10 -4.59
C GLU D 55 -20.46 -9.60 -3.49
N THR D 56 -20.10 -8.57 -2.74
CA THR D 56 -20.90 -8.11 -1.61
C THR D 56 -21.94 -7.10 -2.11
N LEU D 57 -22.56 -6.38 -1.19
CA LEU D 57 -23.61 -5.45 -1.55
C LEU D 57 -23.62 -4.30 -0.55
N ALA D 58 -24.07 -3.14 -1.00
CA ALA D 58 -24.13 -1.96 -0.12
C ALA D 58 -25.41 -2.00 0.71
N ASP D 59 -25.58 -0.96 1.54
CA ASP D 59 -26.68 -0.94 2.50
C ASP D 59 -28.02 -0.70 1.82
N GLY D 60 -28.09 0.30 0.93
CA GLY D 60 -29.35 0.69 0.33
C GLY D 60 -29.78 -0.12 -0.87
N VAL D 61 -28.98 -1.07 -1.31
CA VAL D 61 -29.27 -1.80 -2.55
C VAL D 61 -30.40 -2.80 -2.29
N PRO D 62 -31.41 -2.87 -3.15
CA PRO D 62 -32.57 -3.74 -2.89
C PRO D 62 -32.34 -5.22 -3.18
N SER D 63 -31.09 -5.65 -3.32
CA SER D 63 -30.67 -7.04 -3.54
C SER D 63 -31.02 -7.55 -4.94
N ARG D 64 -31.68 -6.75 -5.77
CA ARG D 64 -31.83 -7.13 -7.18
C ARG D 64 -30.51 -7.08 -7.92
N PHE D 65 -29.54 -6.34 -7.38
CA PHE D 65 -28.20 -6.28 -7.95
C PHE D 65 -27.31 -7.32 -7.29
N SER D 66 -26.50 -8.00 -8.09
CA SER D 66 -25.58 -9.00 -7.57
C SER D 66 -24.44 -9.17 -8.56
N GLY D 67 -23.23 -9.31 -8.02
CA GLY D 67 -22.05 -9.50 -8.85
C GLY D 67 -21.36 -10.81 -8.60
N SER D 68 -20.48 -11.21 -9.51
CA SER D 68 -19.77 -12.48 -9.40
C SER D 68 -18.50 -12.38 -10.24
N GLY D 69 -17.88 -13.53 -10.49
CA GLY D 69 -16.67 -13.58 -11.27
C GLY D 69 -15.42 -13.61 -10.39
N SER D 70 -14.33 -14.08 -10.98
CA SER D 70 -13.06 -14.14 -10.28
C SER D 70 -11.92 -13.97 -11.28
N GLY D 71 -10.77 -13.58 -10.76
CA GLY D 71 -9.60 -13.40 -11.60
C GLY D 71 -9.62 -12.09 -12.37
N THR D 72 -9.77 -12.18 -13.69
CA THR D 72 -9.77 -11.01 -14.55
C THR D 72 -11.11 -10.74 -15.20
N GLN D 73 -12.13 -11.56 -14.94
CA GLN D 73 -13.44 -11.41 -15.54
C GLN D 73 -14.45 -11.18 -14.42
N TYR D 74 -15.25 -10.11 -14.56
CA TYR D 74 -16.25 -9.77 -13.56
C TYR D 74 -17.53 -9.37 -14.26
N SER D 75 -18.64 -9.44 -13.53
CA SER D 75 -19.94 -9.17 -14.10
C SER D 75 -20.86 -8.59 -13.05
N LEU D 76 -21.91 -7.91 -13.52
CA LEU D 76 -22.97 -7.37 -12.68
C LEU D 76 -24.29 -7.91 -13.19
N LYS D 77 -25.14 -8.38 -12.29
CA LYS D 77 -26.40 -9.02 -12.64
C LYS D 77 -27.56 -8.28 -12.00
N ILE D 78 -28.63 -8.08 -12.77
CA ILE D 78 -29.85 -7.44 -12.31
C ILE D 78 -31.01 -8.39 -12.59
N ASN D 79 -31.80 -8.67 -11.57
CA ASN D 79 -32.98 -9.53 -11.69
C ASN D 79 -34.24 -8.70 -11.44
N SER D 80 -35.24 -8.89 -12.30
CA SER D 80 -36.51 -8.18 -12.20
C SER D 80 -36.29 -6.66 -12.26
N LEU D 81 -35.80 -6.23 -13.42
CA LEU D 81 -35.48 -4.83 -13.63
C LEU D 81 -36.70 -3.95 -13.39
N GLN D 82 -36.48 -2.82 -12.74
CA GLN D 82 -37.52 -1.86 -12.40
C GLN D 82 -37.22 -0.52 -13.04
N PRO D 83 -38.25 0.32 -13.28
CA PRO D 83 -38.04 1.53 -14.08
C PRO D 83 -37.01 2.49 -13.52
N GLU D 84 -36.87 2.59 -12.19
CA GLU D 84 -35.92 3.53 -11.61
C GLU D 84 -34.46 3.14 -11.87
N ASP D 85 -34.22 1.91 -12.33
CA ASP D 85 -32.87 1.43 -12.58
C ASP D 85 -32.51 1.71 -14.03
N PHE D 86 -32.24 2.98 -14.31
CA PHE D 86 -31.81 3.40 -15.64
C PHE D 86 -30.79 4.52 -15.50
N GLY D 87 -29.65 4.36 -16.17
CA GLY D 87 -28.59 5.36 -16.09
C GLY D 87 -27.28 4.78 -16.57
N ASN D 88 -26.19 5.35 -16.05
CA ASN D 88 -24.84 4.95 -16.39
C ASN D 88 -24.23 4.12 -15.26
N TYR D 89 -23.44 3.13 -15.64
CA TYR D 89 -22.79 2.24 -14.70
C TYR D 89 -21.28 2.24 -14.94
N TYR D 90 -20.52 2.48 -13.89
CA TYR D 90 -19.07 2.52 -13.96
C TYR D 90 -18.47 1.54 -12.96
N CYS D 91 -17.27 1.05 -13.27
CA CYS D 91 -16.56 0.15 -12.38
C CYS D 91 -15.10 0.58 -12.30
N GLN D 92 -14.46 0.26 -11.18
CA GLN D 92 -13.04 0.54 -11.00
C GLN D 92 -12.42 -0.53 -10.12
N HIS D 93 -11.09 -0.60 -10.18
CA HIS D 93 -10.32 -1.51 -9.35
C HIS D 93 -9.61 -0.74 -8.25
N PHE D 94 -9.12 -1.49 -7.26
CA PHE D 94 -8.40 -0.93 -6.12
C PHE D 94 -7.16 -1.75 -5.82
N TRP D 95 -6.50 -2.25 -6.86
CA TRP D 95 -5.34 -3.11 -6.70
C TRP D 95 -4.02 -2.38 -6.74
N SER D 96 -3.90 -1.32 -7.55
CA SER D 96 -2.67 -0.56 -7.67
C SER D 96 -2.99 0.92 -7.58
N THR D 97 -1.96 1.75 -7.72
CA THR D 97 -2.12 3.19 -7.48
C THR D 97 -3.15 3.88 -8.38
N PRO D 98 -3.17 3.68 -9.71
CA PRO D 98 -4.00 4.56 -10.54
C PRO D 98 -5.49 4.51 -10.24
N TYR D 99 -6.03 3.39 -9.79
CA TYR D 99 -7.46 3.25 -9.53
C TYR D 99 -8.30 3.67 -10.74
N THR D 100 -7.91 3.17 -11.91
CA THR D 100 -8.54 3.59 -13.15
C THR D 100 -10.01 3.20 -13.19
N PHE D 101 -10.83 4.10 -13.69
CA PHE D 101 -12.26 3.84 -13.86
C PHE D 101 -12.50 3.00 -15.12
N GLY D 102 -13.76 2.62 -15.31
CA GLY D 102 -14.15 1.85 -16.47
C GLY D 102 -14.70 2.73 -17.59
N GLY D 103 -15.01 2.08 -18.70
CA GLY D 103 -15.54 2.80 -19.85
C GLY D 103 -16.92 3.38 -19.61
N GLY D 104 -17.79 2.63 -18.96
CA GLY D 104 -19.15 3.08 -18.73
C GLY D 104 -20.14 2.41 -19.66
N THR D 105 -21.37 2.26 -19.17
CA THR D 105 -22.44 1.64 -19.93
C THR D 105 -23.75 2.35 -19.61
N LYS D 106 -24.54 2.64 -20.63
CA LYS D 106 -25.78 3.39 -20.49
C LYS D 106 -26.98 2.48 -20.76
N LEU D 107 -27.99 2.58 -19.91
CA LEU D 107 -29.22 1.81 -20.07
C LEU D 107 -30.29 2.64 -20.78
N ALA E 2 12.31 5.53 -3.92
CA ALA E 2 11.37 5.00 -4.89
C ALA E 2 12.08 4.16 -5.93
N LYS E 3 11.31 3.38 -6.69
CA LYS E 3 11.89 2.61 -7.78
C LYS E 3 12.42 3.54 -8.86
N LEU E 4 13.58 3.20 -9.40
CA LEU E 4 14.24 4.06 -10.37
C LEU E 4 13.42 4.17 -11.65
N GLU E 5 13.39 5.37 -12.22
CA GLU E 5 12.66 5.65 -13.44
C GLU E 5 13.45 6.65 -14.27
N THR E 6 13.08 6.79 -15.54
CA THR E 6 13.74 7.78 -16.39
C THR E 6 13.49 9.18 -15.85
N VAL E 7 14.55 9.97 -15.78
CA VAL E 7 14.49 11.33 -15.26
C VAL E 7 14.82 12.28 -16.40
N THR E 8 13.85 13.11 -16.77
CA THR E 8 14.04 14.12 -17.82
C THR E 8 14.08 15.49 -17.18
N LEU E 9 15.20 16.19 -17.37
CA LEU E 9 15.40 17.52 -16.82
C LEU E 9 15.39 18.53 -17.95
N GLY E 10 14.61 19.60 -17.78
CA GLY E 10 14.50 20.61 -18.82
C GLY E 10 15.10 21.93 -18.41
N ASN E 11 15.37 22.79 -19.39
CA ASN E 11 15.90 24.14 -19.15
C ASN E 11 17.23 24.08 -18.41
N ILE E 12 18.08 23.14 -18.79
CA ILE E 12 19.45 23.09 -18.30
C ILE E 12 20.32 23.96 -19.21
N GLY E 13 21.42 24.44 -18.67
CA GLY E 13 22.38 25.19 -19.47
C GLY E 13 22.35 26.67 -19.15
N LYS E 14 23.52 27.30 -19.31
CA LYS E 14 23.62 28.72 -19.02
C LYS E 14 22.77 29.55 -19.98
N ASP E 15 22.51 29.03 -21.18
CA ASP E 15 21.54 29.68 -22.07
C ASP E 15 20.13 29.50 -21.56
N GLY E 16 19.80 28.31 -21.06
CA GLY E 16 18.48 28.03 -20.54
C GLY E 16 17.55 27.28 -21.48
N LYS E 17 18.08 26.43 -22.35
CA LYS E 17 17.27 25.74 -23.35
C LYS E 17 17.55 24.24 -23.47
N GLN E 18 18.71 23.76 -23.02
CA GLN E 18 19.06 22.36 -23.21
C GLN E 18 18.25 21.46 -22.27
N THR E 19 18.15 20.19 -22.65
CA THR E 19 17.48 19.18 -21.84
C THR E 19 18.41 17.98 -21.67
N LEU E 20 18.16 17.22 -20.62
CA LEU E 20 18.93 16.03 -20.30
C LEU E 20 17.99 14.91 -19.92
N VAL E 21 18.27 13.70 -20.41
CA VAL E 21 17.46 12.52 -20.14
C VAL E 21 18.38 11.45 -19.58
N LEU E 22 18.09 10.98 -18.36
CA LEU E 22 18.92 10.01 -17.67
C LEU E 22 18.16 8.70 -17.53
N ASN E 23 18.88 7.58 -17.71
CA ASN E 23 18.32 6.24 -17.65
C ASN E 23 18.86 5.51 -16.44
N PRO E 24 18.06 4.67 -15.79
CA PRO E 24 18.55 3.94 -14.61
C PRO E 24 19.68 2.98 -14.96
N ARG E 25 20.59 2.80 -14.02
CA ARG E 25 21.73 1.91 -14.20
C ARG E 25 21.87 0.90 -13.06
N GLY E 26 20.86 0.74 -12.22
CA GLY E 26 20.86 -0.29 -11.22
C GLY E 26 21.59 0.12 -9.94
N VAL E 27 21.35 -0.66 -8.90
CA VAL E 27 21.90 -0.41 -7.57
C VAL E 27 23.11 -1.30 -7.36
N ASN E 28 24.14 -0.76 -6.70
CA ASN E 28 25.31 -1.53 -6.33
C ASN E 28 25.04 -2.23 -5.00
N PRO E 29 24.99 -3.56 -4.96
CA PRO E 29 24.62 -4.25 -3.71
C PRO E 29 25.55 -3.98 -2.55
N THR E 30 26.86 -3.79 -2.80
CA THR E 30 27.82 -3.66 -1.72
C THR E 30 27.56 -2.40 -0.89
N ASN E 31 27.26 -1.28 -1.55
CA ASN E 31 27.07 -0.02 -0.84
C ASN E 31 25.73 0.65 -1.12
N GLY E 32 24.86 0.04 -1.92
CA GLY E 32 23.53 0.59 -2.13
C GLY E 32 23.50 1.96 -2.77
N VAL E 33 24.26 2.15 -3.84
CA VAL E 33 24.34 3.43 -4.53
C VAL E 33 23.57 3.32 -5.83
N ALA E 34 22.48 4.05 -5.94
CA ALA E 34 21.72 4.11 -7.18
C ALA E 34 22.53 4.87 -8.23
N SER E 35 22.27 4.55 -9.50
CA SER E 35 23.03 5.14 -10.59
C SER E 35 22.10 5.51 -11.74
N LEU E 36 22.39 6.64 -12.37
CA LEU E 36 21.71 7.06 -13.58
C LEU E 36 22.76 7.53 -14.58
N SER E 37 22.47 7.34 -15.85
CA SER E 37 23.41 7.71 -16.91
C SER E 37 22.64 8.25 -18.10
N GLN E 38 23.35 9.02 -18.92
CA GLN E 38 22.78 9.62 -20.12
C GLN E 38 23.00 8.70 -21.31
N ALA E 39 21.97 8.57 -22.15
CA ALA E 39 22.02 7.63 -23.26
C ALA E 39 23.03 8.09 -24.30
N GLY E 40 23.87 7.17 -24.74
CA GLY E 40 24.84 7.46 -25.78
C GLY E 40 25.79 6.30 -25.96
N ALA E 41 26.48 6.32 -27.09
CA ALA E 41 27.51 5.32 -27.35
C ALA E 41 28.79 5.66 -26.59
N VAL E 42 29.72 4.71 -26.60
CA VAL E 42 31.01 4.87 -25.93
C VAL E 42 30.77 5.17 -24.46
N PRO E 43 30.38 4.17 -23.65
CA PRO E 43 30.00 4.43 -22.26
C PRO E 43 31.01 5.20 -21.42
N ALA E 44 32.23 5.40 -21.93
CA ALA E 44 33.23 6.15 -21.20
C ALA E 44 33.00 7.66 -21.28
N LEU E 45 32.17 8.13 -22.20
CA LEU E 45 31.91 9.55 -22.39
C LEU E 45 30.50 9.93 -21.98
N GLU E 46 29.99 9.37 -20.89
CA GLU E 46 28.62 9.57 -20.46
C GLU E 46 28.58 10.39 -19.17
N LYS E 47 27.48 11.12 -19.01
CA LYS E 47 27.25 11.89 -17.79
C LYS E 47 26.55 11.00 -16.77
N ARG E 48 27.08 10.99 -15.55
CA ARG E 48 26.64 10.07 -14.52
C ARG E 48 26.10 10.82 -13.30
N VAL E 49 25.09 10.24 -12.66
CA VAL E 49 24.55 10.72 -11.40
C VAL E 49 24.39 9.53 -10.47
N THR E 50 24.80 9.71 -9.21
CA THR E 50 24.64 8.66 -8.20
C THR E 50 23.92 9.24 -6.99
N VAL E 51 23.07 8.42 -6.36
CA VAL E 51 22.33 8.82 -5.18
C VAL E 51 22.49 7.74 -4.13
N SER E 52 22.86 8.13 -2.91
CA SER E 52 23.05 7.21 -1.81
C SER E 52 22.27 7.70 -0.60
N VAL E 53 21.62 6.77 0.11
CA VAL E 53 20.89 7.07 1.32
C VAL E 53 21.19 5.97 2.34
N SER E 54 21.39 6.37 3.60
CA SER E 54 21.58 5.38 4.65
C SER E 54 20.30 4.58 4.88
N GLN E 55 20.45 3.27 5.02
CA GLN E 55 19.30 2.41 5.18
C GLN E 55 18.64 2.65 6.53
N PRO E 56 17.32 2.49 6.61
CA PRO E 56 16.62 2.72 7.89
C PRO E 56 17.01 1.67 8.93
N SER E 57 17.35 2.13 10.12
CA SER E 57 17.67 1.26 11.24
C SER E 57 17.01 1.81 12.50
N ARG E 58 16.73 0.91 13.44
CA ARG E 58 16.08 1.33 14.68
C ARG E 58 17.02 2.14 15.57
N ASN E 59 18.31 1.81 15.54
CA ASN E 59 19.30 2.46 16.42
C ASN E 59 20.23 3.41 15.68
N ARG E 60 19.84 3.85 14.48
CA ARG E 60 20.68 4.75 13.70
C ARG E 60 20.64 6.15 14.29
N LYS E 61 21.81 6.80 14.37
CA LYS E 61 21.90 8.15 14.92
C LYS E 61 21.66 9.21 13.86
N ASN E 62 22.48 9.21 12.81
CA ASN E 62 22.44 10.23 11.78
C ASN E 62 22.16 9.62 10.42
N TYR E 63 21.31 10.30 9.66
CA TYR E 63 20.99 9.92 8.29
C TYR E 63 21.79 10.78 7.33
N LYS E 64 22.44 10.15 6.36
CA LYS E 64 23.34 10.83 5.44
C LYS E 64 22.90 10.58 4.00
N VAL E 65 22.68 11.66 3.26
CA VAL E 65 22.28 11.60 1.85
C VAL E 65 23.40 12.22 1.03
N GLN E 66 23.87 11.52 0.01
CA GLN E 66 25.00 11.98 -0.79
C GLN E 66 24.69 11.83 -2.27
N VAL E 67 24.97 12.88 -3.04
CA VAL E 67 24.72 12.92 -4.47
C VAL E 67 26.00 13.34 -5.18
N LYS E 68 26.30 12.68 -6.29
CA LYS E 68 27.50 12.98 -7.07
C LYS E 68 27.14 13.19 -8.53
N ILE E 69 27.91 14.04 -9.19
CA ILE E 69 27.74 14.35 -10.60
C ILE E 69 29.11 14.44 -11.24
N GLN E 70 29.28 13.83 -12.42
CA GLN E 70 30.52 13.98 -13.17
C GLN E 70 30.21 14.04 -14.65
N ASN E 71 30.83 15.01 -15.34
CA ASN E 71 30.63 15.23 -16.77
C ASN E 71 31.97 15.20 -17.47
N PRO E 72 32.28 14.18 -18.26
CA PRO E 72 33.55 14.13 -18.98
C PRO E 72 33.47 14.79 -20.35
N THR E 73 34.62 15.27 -20.80
CA THR E 73 34.75 15.90 -22.11
C THR E 73 35.69 15.06 -22.98
N ALA E 74 35.30 14.87 -24.24
CA ALA E 74 36.05 14.04 -25.17
C ALA E 74 36.84 14.90 -26.13
N CYS E 75 38.11 14.58 -26.32
CA CYS E 75 38.96 15.24 -27.31
C CYS E 75 39.60 14.17 -28.18
N THR E 76 39.42 14.30 -29.50
CA THR E 76 40.05 13.40 -30.44
C THR E 76 41.45 13.88 -30.78
N ALA E 77 42.43 12.99 -30.65
CA ALA E 77 43.83 13.34 -30.84
C ALA E 77 44.44 12.45 -31.91
N ASN E 78 45.50 12.96 -32.54
CA ASN E 78 46.19 12.21 -33.58
C ASN E 78 46.86 10.98 -33.01
N GLY E 79 46.89 9.92 -33.82
CA GLY E 79 47.47 8.66 -33.41
C GLY E 79 46.51 7.70 -32.72
N SER E 80 45.28 8.13 -32.46
CA SER E 80 44.28 7.29 -31.82
C SER E 80 42.98 7.35 -32.62
N CYS E 81 42.36 6.18 -32.80
CA CYS E 81 41.08 6.13 -33.50
C CYS E 81 39.93 6.59 -32.62
N ASP E 82 39.98 6.29 -31.32
CA ASP E 82 38.84 6.60 -30.47
C ASP E 82 39.08 7.85 -29.65
N PRO E 83 38.02 8.57 -29.28
CA PRO E 83 38.17 9.72 -28.38
C PRO E 83 38.53 9.28 -26.98
N SER E 84 39.12 10.20 -26.23
CA SER E 84 39.57 9.94 -24.87
C SER E 84 39.07 11.05 -23.96
N VAL E 85 38.97 10.74 -22.67
CA VAL E 85 38.53 11.71 -21.68
C VAL E 85 39.69 12.60 -21.30
N THR E 86 39.50 13.91 -21.47
CA THR E 86 40.55 14.88 -21.17
C THR E 86 40.46 15.41 -19.75
N ARG E 87 39.26 15.80 -19.32
CA ARG E 87 39.07 16.41 -18.01
C ARG E 87 37.68 16.05 -17.50
N GLN E 88 37.52 16.22 -16.18
CA GLN E 88 36.28 15.91 -15.50
C GLN E 88 35.78 17.15 -14.77
N ALA E 89 34.46 17.28 -14.69
CA ALA E 89 33.81 18.33 -13.90
C ALA E 89 32.91 17.66 -12.89
N TYR E 90 33.24 17.78 -11.60
CA TYR E 90 32.56 17.05 -10.56
C TYR E 90 31.57 17.93 -9.80
N ALA E 91 30.77 17.27 -8.97
CA ALA E 91 29.88 17.92 -8.02
C ALA E 91 29.66 16.94 -6.87
N ASP E 92 29.25 17.48 -5.72
CA ASP E 92 29.10 16.65 -4.54
C ASP E 92 28.17 17.34 -3.56
N VAL E 93 27.03 16.73 -3.28
CA VAL E 93 26.04 17.28 -2.36
C VAL E 93 25.84 16.30 -1.23
N THR E 94 25.93 16.79 0.01
CA THR E 94 25.78 15.96 1.19
C THR E 94 24.82 16.62 2.16
N PHE E 95 23.84 15.87 2.64
CA PHE E 95 22.93 16.30 3.67
C PHE E 95 23.11 15.41 4.89
N SER E 96 22.91 15.98 6.07
CA SER E 96 23.08 15.26 7.32
C SER E 96 22.01 15.69 8.29
N PHE E 97 21.14 14.76 8.69
CA PHE E 97 20.07 15.02 9.63
C PHE E 97 20.21 14.09 10.83
N THR E 98 19.36 14.31 11.82
CA THR E 98 19.29 13.47 13.01
C THR E 98 18.00 12.67 13.02
N GLN E 99 17.94 11.71 13.94
CA GLN E 99 16.79 10.82 14.03
C GLN E 99 15.53 11.55 14.46
N TYR E 100 15.64 12.69 15.15
CA TYR E 100 14.49 13.41 15.67
C TYR E 100 14.00 14.52 14.75
N SER E 101 14.63 14.71 13.59
CA SER E 101 14.23 15.77 12.69
C SER E 101 12.89 15.46 12.05
N THR E 102 12.20 16.50 11.60
CA THR E 102 10.92 16.35 10.94
C THR E 102 11.05 16.68 9.45
N ASP E 103 9.96 16.40 8.73
CA ASP E 103 9.99 16.51 7.27
C ASP E 103 10.19 17.96 6.83
N GLU E 104 9.57 18.90 7.53
CA GLU E 104 9.61 20.30 7.10
C GLU E 104 11.02 20.85 7.11
N GLU E 105 11.83 20.46 8.10
CA GLU E 105 13.21 20.93 8.15
C GLU E 105 13.99 20.48 6.92
N ARG E 106 13.87 19.19 6.56
CA ARG E 106 14.60 18.66 5.42
C ARG E 106 14.13 19.30 4.12
N ALA E 107 12.81 19.46 3.96
CA ALA E 107 12.29 20.09 2.76
C ALA E 107 12.76 21.54 2.66
N PHE E 108 12.79 22.25 3.80
CA PHE E 108 13.26 23.63 3.79
C PHE E 108 14.72 23.71 3.39
N VAL E 109 15.56 22.82 3.92
CA VAL E 109 16.98 22.84 3.56
C VAL E 109 17.15 22.58 2.07
N ARG E 110 16.44 21.58 1.54
CA ARG E 110 16.59 21.22 0.13
C ARG E 110 16.14 22.37 -0.78
N THR E 111 14.96 22.94 -0.50
CA THR E 111 14.46 24.03 -1.33
C THR E 111 15.36 25.26 -1.21
N GLU E 112 15.89 25.52 -0.02
CA GLU E 112 16.78 26.66 0.16
C GLU E 112 18.05 26.49 -0.66
N LEU E 113 18.64 25.28 -0.66
CA LEU E 113 19.82 25.05 -1.49
C LEU E 113 19.49 25.20 -2.97
N ALA E 114 18.35 24.67 -3.40
CA ALA E 114 17.97 24.79 -4.81
C ALA E 114 17.79 26.24 -5.22
N ALA E 115 17.19 27.06 -4.34
CA ALA E 115 17.02 28.47 -4.65
C ALA E 115 18.34 29.24 -4.61
N LEU E 116 19.24 28.85 -3.71
CA LEU E 116 20.55 29.50 -3.65
C LEU E 116 21.33 29.26 -4.92
N LEU E 117 21.27 28.04 -5.46
CA LEU E 117 22.05 27.73 -6.66
C LEU E 117 21.63 28.56 -7.86
N ALA E 118 20.47 29.20 -7.83
CA ALA E 118 20.01 30.04 -8.91
C ALA E 118 20.10 31.53 -8.58
N SER E 119 20.63 31.88 -7.42
CA SER E 119 20.80 33.28 -7.04
C SER E 119 21.99 33.89 -7.77
N PRO E 120 22.00 35.21 -7.98
CA PRO E 120 23.13 35.82 -8.68
C PRO E 120 24.47 35.60 -8.01
N LEU E 121 24.50 35.44 -6.68
CA LEU E 121 25.76 35.19 -5.99
C LEU E 121 26.43 33.93 -6.51
N LEU E 122 25.70 32.82 -6.57
CA LEU E 122 26.26 31.56 -7.04
C LEU E 122 26.45 31.54 -8.56
N ILE E 123 25.50 32.12 -9.31
CA ILE E 123 25.67 32.26 -10.75
C ILE E 123 26.95 33.02 -11.08
N ASP E 124 27.38 33.92 -10.22
CA ASP E 124 28.63 34.64 -10.40
C ASP E 124 29.83 33.88 -9.86
N ALA E 125 29.71 33.24 -8.71
CA ALA E 125 30.83 32.56 -8.08
C ALA E 125 31.19 31.23 -8.71
N ILE E 126 30.33 30.67 -9.57
CA ILE E 126 30.61 29.40 -10.22
C ILE E 126 30.92 29.58 -11.70
N ASP E 127 30.07 30.32 -12.42
CA ASP E 127 30.30 30.51 -13.85
C ASP E 127 31.58 31.29 -14.11
N GLN E 128 31.81 32.36 -13.34
CA GLN E 128 32.95 33.23 -13.55
C GLN E 128 34.12 32.93 -12.63
N LEU E 129 33.92 32.10 -11.61
CA LEU E 129 35.00 31.67 -10.71
C LEU E 129 35.67 32.84 -10.00
N ASN E 130 34.89 33.82 -9.58
CA ASN E 130 35.44 34.93 -8.83
C ASN E 130 34.95 34.89 -7.39
N PRO E 131 35.86 34.98 -6.41
CA PRO E 131 35.43 34.89 -5.01
C PRO E 131 34.51 36.04 -4.62
N ALA E 132 33.64 35.75 -3.66
CA ALA E 132 32.77 36.78 -3.09
C ALA E 132 33.46 37.43 -1.91
N TYR E 133 33.37 38.76 -1.84
CA TYR E 133 34.05 39.52 -0.80
C TYR E 133 33.13 40.58 -0.20
#